data_3WNE
#
_entry.id   3WNE
#
_cell.length_a   49.680
_cell.length_b   49.680
_cell.length_c   102.930
_cell.angle_alpha   90.00
_cell.angle_beta   90.00
_cell.angle_gamma   120.00
#
_symmetry.space_group_name_H-M   'P 32'
#
loop_
_entity.id
_entity.type
_entity.pdbx_description
1 polymer 'Gag-Pol polyprotein'
2 polymer 'LEDGF peptide'
3 non-polymer 'CADMIUM ION'
4 non-polymer 'CHLORIDE ION'
5 non-polymer 'SULFATE ION'
6 water water
#
loop_
_entity_poly.entity_id
_entity_poly.type
_entity_poly.pdbx_seq_one_letter_code
_entity_poly.pdbx_strand_id
1 'polypeptide(L)'
;SSPGIWQLDCTHLEGKVILVAVHVASGYIEAEVIPAETGQETAYFLLKLAGRWPVKTVHTDNGSNFTGATVRAACDWAGI
KQEDGIPYNPQSQGVIESMNKELKKIIGQVRDQAEHLKTAVQMAVFIHNHKRKGGIGGYSAGERIVDIIATDIQTKE
;
A,B
2 'polypeptide(L)' PKIDNG C,D
#
loop_
_chem_comp.id
_chem_comp.type
_chem_comp.name
_chem_comp.formula
CD non-polymer 'CADMIUM ION' 'Cd 2'
CL non-polymer 'CHLORIDE ION' 'Cl -1'
SO4 non-polymer 'SULFATE ION' 'O4 S -2'
#
# COMPACT_ATOMS: atom_id res chain seq x y z
N SER A 1 17.15 12.94 6.76
CA SER A 1 17.05 11.83 7.71
C SER A 1 16.70 10.53 7.01
N SER A 2 17.58 9.56 7.24
CA SER A 2 17.54 8.24 6.67
C SER A 2 16.35 7.35 6.93
N PRO A 3 15.56 7.58 7.96
CA PRO A 3 14.33 6.80 8.09
C PRO A 3 13.36 7.15 6.99
N GLY A 4 13.58 8.30 6.38
CA GLY A 4 12.67 8.81 5.38
C GLY A 4 13.09 8.62 3.92
N ILE A 5 14.14 7.86 3.69
CA ILE A 5 14.70 7.75 2.36
C ILE A 5 14.28 6.47 1.69
N TRP A 6 13.76 6.58 0.49
CA TRP A 6 13.28 5.46 -0.25
C TRP A 6 13.91 5.49 -1.65
N GLN A 7 14.03 4.33 -2.24
CA GLN A 7 14.50 4.17 -3.61
C GLN A 7 13.39 3.55 -4.45
N LEU A 8 13.08 4.16 -5.62
CA LEU A 8 12.04 3.70 -6.50
C LEU A 8 12.67 3.22 -7.81
N ASP A 9 12.35 2.01 -8.24
CA ASP A 9 12.84 1.46 -9.47
C ASP A 9 11.71 0.75 -10.19
N CYS A 10 11.85 0.57 -11.50
CA CYS A 10 10.96 -0.24 -12.26
C CYS A 10 11.63 -1.57 -12.66
N THR A 11 10.78 -2.56 -12.81
CA THR A 11 11.17 -3.90 -13.27
C THR A 11 10.05 -4.47 -14.17
N HIS A 12 10.39 -5.39 -15.05
CA HIS A 12 9.51 -5.76 -16.11
C HIS A 12 9.42 -7.31 -16.18
N LEU A 13 8.21 -7.83 -16.30
CA LEU A 13 7.95 -9.30 -16.28
C LEU A 13 6.66 -9.54 -17.07
N GLU A 14 6.67 -10.55 -17.95
CA GLU A 14 5.48 -10.83 -18.79
C GLU A 14 4.91 -9.68 -19.59
N GLY A 15 5.73 -8.74 -20.00
CA GLY A 15 5.25 -7.59 -20.75
C GLY A 15 4.57 -6.55 -19.88
N LYS A 16 4.68 -6.71 -18.55
CA LYS A 16 4.04 -5.76 -17.60
C LYS A 16 5.10 -5.01 -16.82
N VAL A 17 4.68 -3.89 -16.23
CA VAL A 17 5.54 -2.95 -15.50
C VAL A 17 5.20 -3.04 -14.01
N ILE A 18 6.23 -3.26 -13.21
CA ILE A 18 6.18 -3.33 -11.76
C ILE A 18 7.02 -2.19 -11.22
N LEU A 19 6.43 -1.33 -10.40
CA LEU A 19 7.20 -0.36 -9.64
C LEU A 19 7.53 -0.99 -8.24
N VAL A 20 8.75 -0.77 -7.77
CA VAL A 20 9.28 -1.27 -6.51
C VAL A 20 9.86 -0.10 -5.77
N ALA A 21 9.31 0.16 -4.57
CA ALA A 21 9.84 1.14 -3.65
C ALA A 21 10.53 0.41 -2.51
N VAL A 22 11.80 0.70 -2.28
CA VAL A 22 12.54 0.07 -1.18
C VAL A 22 12.85 1.10 -0.12
N HIS A 23 12.54 0.79 1.14
CA HIS A 23 12.96 1.63 2.26
C HIS A 23 14.44 1.28 2.52
N VAL A 24 15.30 2.24 2.20
CA VAL A 24 16.74 1.91 2.14
C VAL A 24 17.29 1.30 3.48
N ALA A 25 17.00 1.90 4.61
CA ALA A 25 17.54 1.46 5.92
C ALA A 25 17.06 0.09 6.40
N SER A 26 15.89 -0.42 5.93
CA SER A 26 15.38 -1.72 6.40
C SER A 26 15.36 -2.83 5.38
N GLY A 27 15.29 -2.47 4.09
CA GLY A 27 15.02 -3.40 3.03
C GLY A 27 13.56 -3.71 2.79
N TYR A 28 12.66 -3.07 3.54
CA TYR A 28 11.23 -3.29 3.34
C TYR A 28 10.80 -2.80 1.96
N ILE A 29 9.88 -3.52 1.31
CA ILE A 29 9.44 -3.15 -0.05
C ILE A 29 7.94 -2.99 -0.16
N GLU A 30 7.57 -2.08 -1.02
CA GLU A 30 6.21 -1.98 -1.52
C GLU A 30 6.33 -2.05 -3.05
N ALA A 31 5.54 -2.86 -3.70
CA ALA A 31 5.59 -3.00 -5.16
C ALA A 31 4.21 -3.26 -5.69
N GLU A 32 3.99 -2.83 -6.91
CA GLU A 32 2.79 -3.14 -7.61
C GLU A 32 2.95 -3.13 -9.08
N VAL A 33 2.12 -3.94 -9.76
CA VAL A 33 1.98 -3.86 -11.22
C VAL A 33 1.19 -2.63 -11.56
N ILE A 34 1.68 -1.85 -12.54
CA ILE A 34 0.96 -0.66 -13.01
C ILE A 34 0.70 -0.79 -14.50
N PRO A 35 -0.34 -0.09 -15.03
CA PRO A 35 -0.75 -0.24 -16.43
C PRO A 35 0.32 0.20 -17.44
N ALA A 36 1.08 1.23 -17.08
CA ALA A 36 2.08 1.78 -18.02
C ALA A 36 3.04 2.64 -17.23
N GLU A 37 4.28 2.72 -17.71
CA GLU A 37 5.34 3.47 -17.04
C GLU A 37 5.25 4.94 -17.39
N THR A 38 4.16 5.56 -16.95
CA THR A 38 3.88 6.95 -17.22
C THR A 38 4.03 7.84 -16.00
N GLY A 39 4.11 9.16 -16.22
CA GLY A 39 4.13 10.06 -15.06
C GLY A 39 2.89 9.94 -14.17
N GLN A 40 1.71 9.81 -14.79
N GLN A 40 1.71 9.81 -14.77
CA GLN A 40 0.47 9.74 -14.06
CA GLN A 40 0.49 9.75 -13.98
C GLN A 40 0.46 8.52 -13.12
C GLN A 40 0.45 8.50 -13.11
N GLU A 41 0.84 7.34 -13.63
CA GLU A 41 0.81 6.12 -12.83
C GLU A 41 1.92 6.16 -11.75
N THR A 42 3.08 6.70 -12.08
CA THR A 42 4.17 6.84 -11.15
C THR A 42 3.78 7.80 -9.97
N ALA A 43 3.14 8.93 -10.33
CA ALA A 43 2.66 9.85 -9.31
C ALA A 43 1.66 9.23 -8.36
N TYR A 44 0.70 8.49 -8.91
CA TYR A 44 -0.26 7.75 -8.09
C TYR A 44 0.40 6.81 -7.13
N PHE A 45 1.35 6.03 -7.61
CA PHE A 45 2.06 5.09 -6.75
C PHE A 45 2.77 5.79 -5.61
N LEU A 46 3.45 6.89 -5.92
CA LEU A 46 4.13 7.67 -4.86
C LEU A 46 3.17 8.33 -3.85
N LEU A 47 2.06 8.88 -4.33
N LEU A 47 2.03 8.88 -4.31
CA LEU A 47 0.99 9.40 -3.44
CA LEU A 47 0.99 9.39 -3.36
C LEU A 47 0.52 8.36 -2.42
C LEU A 47 0.53 8.33 -2.38
N LYS A 48 0.24 7.13 -2.89
CA LYS A 48 -0.08 6.05 -2.02
C LYS A 48 0.99 5.70 -0.99
N LEU A 49 2.26 5.61 -1.44
CA LEU A 49 3.35 5.35 -0.55
C LEU A 49 3.47 6.40 0.57
N ALA A 50 3.38 7.64 0.14
CA ALA A 50 3.56 8.81 1.01
C ALA A 50 2.50 8.90 2.05
N GLY A 51 1.34 8.28 1.82
CA GLY A 51 0.26 8.27 2.85
C GLY A 51 0.39 7.22 3.89
N ARG A 52 1.25 6.25 3.65
CA ARG A 52 1.39 5.09 4.46
C ARG A 52 2.61 5.12 5.36
N TRP A 53 3.71 5.76 4.90
CA TRP A 53 4.98 5.87 5.59
C TRP A 53 5.44 7.32 5.58
N PRO A 54 6.40 7.67 6.43
CA PRO A 54 6.77 9.07 6.43
C PRO A 54 7.89 9.28 5.45
N VAL A 55 7.54 9.63 4.18
CA VAL A 55 8.50 9.62 3.08
C VAL A 55 9.06 11.05 2.91
N LYS A 56 10.34 11.19 3.09
CA LYS A 56 11.03 12.52 2.90
C LYS A 56 11.73 12.70 1.57
N THR A 57 12.46 11.69 1.17
CA THR A 57 13.22 11.69 -0.06
C THR A 57 12.99 10.40 -0.83
N VAL A 58 12.84 10.49 -2.15
N VAL A 58 12.77 10.52 -2.14
CA VAL A 58 12.74 9.29 -3.00
CA VAL A 58 12.82 9.36 -3.01
C VAL A 58 13.75 9.41 -4.15
C VAL A 58 13.96 9.55 -4.00
N HIS A 59 14.69 8.48 -4.20
CA HIS A 59 15.71 8.45 -5.25
C HIS A 59 15.10 7.63 -6.35
N THR A 60 15.04 8.25 -7.54
CA THR A 60 14.46 7.58 -8.73
C THR A 60 15.55 7.41 -9.85
N ASP A 61 15.17 6.76 -10.95
CA ASP A 61 16.13 6.62 -12.00
C ASP A 61 16.21 7.87 -12.89
N ASN A 62 15.35 8.86 -12.65
CA ASN A 62 15.34 10.16 -13.34
C ASN A 62 14.97 10.04 -14.84
N GLY A 63 14.36 8.92 -15.25
CA GLY A 63 13.89 8.75 -16.65
C GLY A 63 12.63 9.44 -17.03
N SER A 64 12.03 8.99 -18.13
CA SER A 64 11.03 9.73 -18.87
C SER A 64 9.80 10.04 -18.02
N ASN A 65 9.46 9.14 -17.11
CA ASN A 65 8.23 9.33 -16.34
C ASN A 65 8.44 10.40 -15.25
N PHE A 66 9.66 10.95 -15.15
CA PHE A 66 9.97 11.94 -14.15
C PHE A 66 10.22 13.36 -14.71
N THR A 67 10.11 13.52 -16.02
CA THR A 67 10.42 14.82 -16.67
C THR A 67 9.18 15.73 -16.73
N GLY A 68 7.99 15.17 -16.56
CA GLY A 68 6.74 15.89 -16.81
C GLY A 68 6.25 16.60 -15.58
N ALA A 69 5.01 17.02 -15.59
CA ALA A 69 4.46 17.83 -14.49
C ALA A 69 3.91 16.98 -13.33
N THR A 70 3.48 15.75 -13.62
CA THR A 70 2.64 15.07 -12.67
C THR A 70 3.39 14.54 -11.50
N VAL A 71 4.54 13.85 -11.69
CA VAL A 71 5.27 13.36 -10.52
C VAL A 71 5.77 14.51 -9.68
N ARG A 72 6.25 15.56 -10.36
CA ARG A 72 6.69 16.75 -9.65
C ARG A 72 5.60 17.35 -8.76
N ALA A 73 4.40 17.50 -9.30
CA ALA A 73 3.21 18.02 -8.52
C ALA A 73 2.85 17.13 -7.34
N ALA A 74 2.88 15.81 -7.54
CA ALA A 74 2.61 14.92 -6.40
C ALA A 74 3.65 14.95 -5.35
N CYS A 75 4.93 14.98 -5.72
CA CYS A 75 5.96 15.03 -4.75
C CYS A 75 5.93 16.39 -4.00
N ASP A 76 5.65 17.46 -4.73
CA ASP A 76 5.56 18.83 -4.10
C ASP A 76 4.47 18.78 -3.03
N TRP A 77 3.31 18.26 -3.43
CA TRP A 77 2.11 18.23 -2.56
C TRP A 77 2.38 17.45 -1.29
N ALA A 78 3.00 16.25 -1.46
CA ALA A 78 3.31 15.37 -0.37
C ALA A 78 4.57 15.70 0.46
N GLY A 79 5.32 16.72 0.01
CA GLY A 79 6.56 17.09 0.67
C GLY A 79 7.71 16.09 0.53
N ILE A 80 7.81 15.51 -0.64
CA ILE A 80 8.86 14.58 -0.94
C ILE A 80 9.90 15.27 -1.82
N LYS A 81 11.15 15.18 -1.43
CA LYS A 81 12.25 15.70 -2.22
C LYS A 81 12.72 14.63 -3.20
N GLN A 82 12.87 15.00 -4.47
N GLN A 82 12.96 15.03 -4.44
CA GLN A 82 13.52 14.13 -5.45
CA GLN A 82 13.49 14.15 -5.48
C GLN A 82 15.00 14.51 -5.55
C GLN A 82 15.02 14.34 -5.66
N GLU A 83 15.81 13.99 -4.64
CA GLU A 83 17.27 14.26 -4.64
C GLU A 83 17.99 13.26 -5.53
N SER A 98 19.39 -5.86 -7.42
CA SER A 98 19.46 -7.10 -6.63
C SER A 98 18.10 -7.46 -6.04
N MET A 99 17.41 -6.45 -5.46
CA MET A 99 16.05 -6.64 -4.95
C MET A 99 15.08 -6.83 -6.12
N ASN A 100 15.27 -6.16 -7.26
CA ASN A 100 14.49 -6.53 -8.45
C ASN A 100 14.68 -8.01 -8.74
N LYS A 101 15.93 -8.49 -8.65
CA LYS A 101 16.21 -9.91 -8.93
C LYS A 101 15.64 -10.82 -7.83
N GLU A 102 15.86 -10.43 -6.59
CA GLU A 102 15.25 -11.09 -5.43
C GLU A 102 13.75 -11.16 -5.63
N LEU A 103 13.12 -10.02 -5.94
CA LEU A 103 11.67 -10.06 -6.04
C LEU A 103 11.23 -11.00 -7.16
N LYS A 104 11.88 -10.92 -8.33
CA LYS A 104 11.53 -11.80 -9.42
C LYS A 104 11.69 -13.29 -9.08
N LYS A 105 12.69 -13.59 -8.29
CA LYS A 105 12.92 -14.98 -7.86
C LYS A 105 11.71 -15.46 -7.07
N ILE A 106 11.25 -14.62 -6.14
CA ILE A 106 10.08 -14.99 -5.31
C ILE A 106 8.85 -15.08 -6.16
N ILE A 107 8.64 -14.10 -7.08
CA ILE A 107 7.51 -14.18 -7.95
C ILE A 107 7.50 -15.50 -8.71
N GLY A 108 8.64 -15.92 -9.22
CA GLY A 108 8.69 -17.20 -9.97
C GLY A 108 8.32 -18.43 -9.13
N GLN A 109 8.68 -18.42 -7.84
CA GLN A 109 8.27 -19.53 -6.95
C GLN A 109 6.74 -19.59 -6.75
N VAL A 110 6.03 -18.45 -6.83
CA VAL A 110 4.59 -18.45 -6.52
C VAL A 110 3.68 -18.29 -7.72
N ARG A 111 4.26 -18.07 -8.89
CA ARG A 111 3.50 -17.65 -10.04
C ARG A 111 2.36 -18.58 -10.44
N ASP A 112 2.60 -19.90 -10.36
CA ASP A 112 1.57 -20.85 -10.83
C ASP A 112 0.40 -20.95 -9.85
N GLN A 113 0.59 -20.42 -8.63
CA GLN A 113 -0.49 -20.27 -7.63
C GLN A 113 -1.54 -19.19 -7.88
N ALA A 114 -1.27 -18.30 -8.83
CA ALA A 114 -2.17 -17.23 -9.13
C ALA A 114 -2.40 -17.18 -10.62
N GLU A 115 -3.60 -16.85 -11.02
CA GLU A 115 -3.89 -16.60 -12.42
C GLU A 115 -3.15 -15.37 -12.90
N HIS A 116 -3.24 -14.29 -12.13
CA HIS A 116 -2.74 -12.97 -12.54
C HIS A 116 -1.40 -12.57 -11.91
N LEU A 117 -0.52 -11.95 -12.72
CA LEU A 117 0.77 -11.57 -12.22
C LEU A 117 0.64 -10.63 -11.02
N LYS A 118 -0.32 -9.73 -11.06
CA LYS A 118 -0.44 -8.79 -9.97
C LYS A 118 -0.57 -9.48 -8.63
N THR A 119 -1.34 -10.55 -8.57
CA THR A 119 -1.46 -11.33 -7.34
C THR A 119 -0.16 -11.96 -6.90
N ALA A 120 0.54 -12.63 -7.82
CA ALA A 120 1.88 -13.17 -7.57
C ALA A 120 2.83 -12.11 -7.00
N VAL A 121 2.73 -10.86 -7.49
CA VAL A 121 3.62 -9.85 -6.99
C VAL A 121 3.34 -9.55 -5.55
N GLN A 122 2.06 -9.44 -5.20
CA GLN A 122 1.74 -9.11 -3.80
C GLN A 122 2.06 -10.29 -2.88
N MET A 123 1.95 -11.55 -3.37
CA MET A 123 2.40 -12.72 -2.55
C MET A 123 3.88 -12.58 -2.32
N ALA A 124 4.62 -12.18 -3.35
CA ALA A 124 6.05 -12.01 -3.22
C ALA A 124 6.46 -10.88 -2.32
N VAL A 125 5.73 -9.76 -2.33
CA VAL A 125 5.97 -8.77 -1.32
C VAL A 125 5.76 -9.28 0.10
N PHE A 126 4.62 -9.94 0.32
CA PHE A 126 4.35 -10.62 1.58
C PHE A 126 5.51 -11.44 2.09
N ILE A 127 5.95 -12.34 1.22
CA ILE A 127 7.06 -13.24 1.60
C ILE A 127 8.35 -12.47 1.89
N HIS A 128 8.69 -11.55 1.01
CA HIS A 128 9.91 -10.70 1.23
C HIS A 128 9.93 -9.98 2.59
N ASN A 129 8.78 -9.31 2.88
CA ASN A 129 8.66 -8.46 4.06
C ASN A 129 8.56 -9.25 5.35
N HIS A 130 8.09 -10.48 5.26
CA HIS A 130 7.82 -11.24 6.47
C HIS A 130 8.84 -12.32 6.73
N LYS A 131 9.74 -12.58 5.77
CA LYS A 131 10.73 -13.70 5.94
C LYS A 131 11.64 -13.32 7.07
N ARG A 132 11.81 -14.27 8.02
CA ARG A 132 12.83 -14.16 9.09
C ARG A 132 14.01 -15.10 8.79
N LYS A 133 15.15 -14.51 8.43
CA LYS A 133 16.36 -15.22 7.93
C LYS A 133 17.22 -15.81 9.07
N GLY A 134 16.90 -15.40 10.30
CA GLY A 134 17.40 -16.06 11.53
C GLY A 134 16.30 -16.85 12.25
N GLY A 137 16.16 -14.46 16.69
CA GLY A 137 16.29 -13.06 17.16
C GLY A 137 16.45 -12.05 16.02
N GLY A 138 16.82 -12.55 14.83
CA GLY A 138 16.84 -11.78 13.58
C GLY A 138 15.43 -11.41 13.07
N TYR A 139 15.24 -10.14 12.77
CA TYR A 139 13.94 -9.57 12.40
C TYR A 139 13.61 -9.67 10.91
N SER A 140 12.35 -9.51 10.57
CA SER A 140 11.99 -9.41 9.15
C SER A 140 12.10 -7.93 8.75
N ALA A 141 12.08 -7.67 7.45
CA ALA A 141 12.07 -6.27 6.94
C ALA A 141 10.89 -5.47 7.46
N GLY A 142 9.73 -6.10 7.55
CA GLY A 142 8.58 -5.45 8.16
C GLY A 142 8.80 -5.00 9.59
N GLU A 143 9.42 -5.86 10.40
CA GLU A 143 9.77 -5.48 11.77
C GLU A 143 10.85 -4.41 11.80
N ARG A 144 11.87 -4.55 10.94
CA ARG A 144 12.95 -3.55 10.84
C ARG A 144 12.44 -2.14 10.53
N ILE A 145 11.56 -2.02 9.49
CA ILE A 145 11.05 -0.68 9.17
C ILE A 145 10.32 -0.04 10.35
N VAL A 146 9.45 -0.76 11.08
CA VAL A 146 8.71 -0.18 12.18
C VAL A 146 9.61 0.22 13.34
N ASP A 147 10.55 -0.64 13.67
CA ASP A 147 11.52 -0.31 14.73
C ASP A 147 12.35 0.96 14.39
N ILE A 148 12.82 1.09 13.13
CA ILE A 148 13.57 2.28 12.69
C ILE A 148 12.74 3.56 12.77
N ILE A 149 11.48 3.51 12.31
CA ILE A 149 10.66 4.68 12.32
C ILE A 149 10.22 5.02 13.78
N ALA A 150 9.92 4.00 14.57
CA ALA A 150 9.48 4.24 15.97
C ALA A 150 10.59 4.91 16.74
N THR A 151 11.81 4.43 16.54
CA THR A 151 12.99 5.01 17.18
C THR A 151 13.19 6.47 16.81
N ASP A 152 12.99 6.81 15.55
CA ASP A 152 13.13 8.19 15.13
C ASP A 152 12.05 9.15 15.67
N ILE A 153 10.83 8.67 15.90
CA ILE A 153 9.76 9.48 16.52
C ILE A 153 10.01 9.76 18.02
N GLN A 154 10.26 8.72 18.81
CA GLN A 154 10.43 8.89 20.26
C GLN A 154 11.84 9.38 20.61
N SER B 2 -4.89 -4.31 20.74
CA SER B 2 -4.27 -5.54 20.10
C SER B 2 -3.73 -5.16 18.72
N PRO B 3 -2.41 -5.27 18.53
CA PRO B 3 -1.73 -4.72 17.35
C PRO B 3 -2.11 -5.27 15.97
N GLY B 4 -2.64 -6.50 15.93
CA GLY B 4 -2.85 -7.24 14.68
C GLY B 4 -4.28 -7.16 14.14
N ILE B 5 -5.14 -6.36 14.77
CA ILE B 5 -6.57 -6.33 14.45
C ILE B 5 -6.96 -5.15 13.55
N TRP B 6 -7.61 -5.45 12.44
CA TRP B 6 -8.05 -4.47 11.45
C TRP B 6 -9.54 -4.67 11.20
N GLN B 7 -10.17 -3.61 10.78
CA GLN B 7 -11.56 -3.58 10.35
C GLN B 7 -11.61 -3.13 8.91
N LEU B 8 -12.39 -3.88 8.07
CA LEU B 8 -12.49 -3.63 6.64
C LEU B 8 -13.97 -3.29 6.35
N ASP B 9 -14.19 -2.14 5.71
CA ASP B 9 -15.51 -1.69 5.34
C ASP B 9 -15.46 -1.10 3.99
N CYS B 10 -16.63 -1.01 3.34
CA CYS B 10 -16.73 -0.45 2.03
C CYS B 10 -17.52 0.83 2.18
N THR B 11 -17.26 1.73 1.27
CA THR B 11 -17.94 3.01 1.17
C THR B 11 -18.07 3.41 -0.33
N HIS B 12 -19.04 4.23 -0.67
CA HIS B 12 -19.37 4.43 -2.06
C HIS B 12 -19.46 5.93 -2.36
N LEU B 13 -18.87 6.34 -3.48
CA LEU B 13 -18.84 7.76 -3.89
C LEU B 13 -18.77 7.80 -5.40
N GLU B 14 -19.56 8.68 -6.00
CA GLU B 14 -19.56 8.84 -7.47
C GLU B 14 -19.80 7.57 -8.25
N GLY B 15 -20.54 6.62 -7.71
CA GLY B 15 -20.79 5.36 -8.40
C GLY B 15 -19.60 4.40 -8.37
N LYS B 16 -18.60 4.72 -7.53
CA LYS B 16 -17.42 3.84 -7.37
C LYS B 16 -17.34 3.27 -5.93
N VAL B 17 -16.59 2.19 -5.81
CA VAL B 17 -16.42 1.45 -4.57
C VAL B 17 -14.99 1.72 -4.02
N ILE B 18 -14.96 2.07 -2.76
CA ILE B 18 -13.76 2.30 -1.97
C ILE B 18 -13.75 1.28 -0.81
N LEU B 19 -12.68 0.53 -0.71
CA LEU B 19 -12.47 -0.28 0.48
C LEU B 19 -11.57 0.52 1.48
N VAL B 20 -11.91 0.46 2.77
CA VAL B 20 -11.22 1.13 3.85
C VAL B 20 -10.87 0.11 4.86
N ALA B 21 -9.54 -0.01 5.13
CA ALA B 21 -9.05 -0.83 6.22
C ALA B 21 -8.59 0.06 7.34
N VAL B 22 -9.15 -0.11 8.52
CA VAL B 22 -8.71 0.63 9.69
C VAL B 22 -7.98 -0.20 10.73
N HIS B 23 -6.80 0.26 11.17
CA HIS B 23 -6.07 -0.37 12.23
C HIS B 23 -6.70 0.07 13.56
N VAL B 24 -7.36 -0.88 14.19
CA VAL B 24 -8.33 -0.46 15.22
C VAL B 24 -7.65 0.34 16.35
N ALA B 25 -6.54 -0.14 16.84
CA ALA B 25 -5.80 0.47 17.95
C ALA B 25 -5.20 1.86 17.67
N SER B 26 -4.96 2.25 16.40
CA SER B 26 -4.35 3.56 16.12
C SER B 26 -5.23 4.54 15.38
N GLY B 27 -6.22 4.03 14.61
CA GLY B 27 -6.99 4.76 13.68
C GLY B 27 -6.33 4.98 12.34
N TYR B 28 -5.16 4.38 12.11
CA TYR B 28 -4.49 4.48 10.79
C TYR B 28 -5.36 3.79 9.73
N ILE B 29 -5.38 4.36 8.53
N ILE B 29 -5.42 4.36 8.54
CA ILE B 29 -6.21 3.86 7.42
CA ILE B 29 -6.20 3.74 7.46
C ILE B 29 -5.40 3.51 6.18
C ILE B 29 -5.44 3.52 6.18
N GLU B 30 -5.82 2.47 5.49
CA GLU B 30 -5.44 2.26 4.09
C GLU B 30 -6.74 2.16 3.31
N ALA B 31 -6.82 2.80 2.18
CA ALA B 31 -8.06 2.82 1.38
C ALA B 31 -7.71 2.92 -0.05
N GLU B 32 -8.56 2.32 -0.88
CA GLU B 32 -8.42 2.40 -2.32
C GLU B 32 -9.74 2.24 -3.03
N VAL B 33 -9.85 2.90 -4.19
CA VAL B 33 -10.96 2.63 -5.13
C VAL B 33 -10.69 1.32 -5.77
N ILE B 34 -11.72 0.47 -5.87
CA ILE B 34 -11.58 -0.80 -6.58
C ILE B 34 -12.67 -0.87 -7.65
N PRO B 35 -12.45 -1.67 -8.74
CA PRO B 35 -13.31 -1.81 -9.90
C PRO B 35 -14.73 -2.26 -9.54
N ALA B 36 -14.83 -3.12 -8.51
CA ALA B 36 -16.10 -3.75 -8.17
C ALA B 36 -15.95 -4.45 -6.84
N GLU B 37 -17.05 -4.51 -6.09
CA GLU B 37 -17.06 -5.15 -4.78
C GLU B 37 -17.22 -6.66 -4.94
N THR B 38 -16.16 -7.30 -5.39
CA THR B 38 -16.17 -8.73 -5.67
C THR B 38 -15.24 -9.46 -4.74
N GLY B 39 -15.38 -10.77 -4.62
CA GLY B 39 -14.40 -11.50 -3.85
C GLY B 39 -12.97 -11.32 -4.32
N GLN B 40 -12.76 -11.35 -5.65
CA GLN B 40 -11.43 -11.29 -6.17
C GLN B 40 -10.76 -9.95 -5.86
N GLU B 41 -11.49 -8.85 -5.99
CA GLU B 41 -10.88 -7.54 -5.73
C GLU B 41 -10.64 -7.35 -4.22
N THR B 42 -11.56 -7.86 -3.42
CA THR B 42 -11.42 -7.85 -1.98
C THR B 42 -10.20 -8.66 -1.52
N ALA B 43 -10.06 -9.86 -2.07
CA ALA B 43 -8.90 -10.65 -1.72
C ALA B 43 -7.56 -9.99 -2.07
N TYR B 44 -7.49 -9.39 -3.25
CA TYR B 44 -6.31 -8.61 -3.67
C TYR B 44 -5.97 -7.53 -2.70
N PHE B 45 -6.96 -6.77 -2.27
CA PHE B 45 -6.73 -5.67 -1.35
C PHE B 45 -6.18 -6.18 -0.04
N LEU B 46 -6.78 -7.27 0.46
CA LEU B 46 -6.31 -7.88 1.72
C LEU B 46 -4.89 -8.45 1.61
N LEU B 47 -4.59 -9.09 0.49
N LEU B 47 -4.54 -9.10 0.49
CA LEU B 47 -3.24 -9.58 0.24
CA LEU B 47 -3.13 -9.56 0.27
C LEU B 47 -2.18 -8.47 0.29
C LEU B 47 -2.14 -8.44 0.33
N LYS B 48 -2.49 -7.32 -0.34
CA LYS B 48 -1.64 -6.15 -0.26
C LYS B 48 -1.45 -5.61 1.16
N LEU B 49 -2.56 -5.48 1.91
CA LEU B 49 -2.49 -5.05 3.26
C LEU B 49 -1.61 -5.96 4.13
N ALA B 50 -1.80 -7.25 3.96
CA ALA B 50 -1.12 -8.26 4.76
C ALA B 50 0.36 -8.30 4.53
N GLY B 51 0.81 -7.81 3.38
CA GLY B 51 2.23 -7.72 3.10
C GLY B 51 2.95 -6.56 3.66
N ARG B 52 2.20 -5.57 4.14
CA ARG B 52 2.70 -4.30 4.57
C ARG B 52 2.69 -4.13 6.07
N TRP B 53 1.70 -4.75 6.72
CA TRP B 53 1.52 -4.70 8.15
C TRP B 53 1.34 -6.11 8.71
N PRO B 54 1.56 -6.31 10.01
CA PRO B 54 1.39 -7.64 10.57
C PRO B 54 -0.07 -7.89 10.91
N VAL B 55 -0.83 -8.40 9.93
CA VAL B 55 -2.27 -8.53 10.07
C VAL B 55 -2.65 -9.95 10.58
N LYS B 56 -3.23 -10.00 11.74
CA LYS B 56 -3.70 -11.26 12.36
C LYS B 56 -5.21 -11.49 12.22
N THR B 57 -5.98 -10.48 12.48
CA THR B 57 -7.42 -10.60 12.41
C THR B 57 -8.04 -9.44 11.62
N VAL B 58 -8.98 -9.74 10.73
CA VAL B 58 -9.72 -8.69 10.04
C VAL B 58 -11.20 -8.92 10.32
N HIS B 59 -11.85 -7.88 10.80
CA HIS B 59 -13.31 -7.92 10.97
C HIS B 59 -13.91 -7.33 9.73
N THR B 60 -14.82 -8.07 9.11
CA THR B 60 -15.48 -7.60 7.84
C THR B 60 -17.00 -7.51 8.03
N ASP B 61 -17.70 -7.05 7.01
CA ASP B 61 -19.13 -6.94 7.21
C ASP B 61 -19.81 -8.30 6.93
N ASN B 62 -19.06 -9.28 6.45
CA ASN B 62 -19.52 -10.66 6.22
C ASN B 62 -20.51 -10.71 5.07
N GLY B 63 -20.58 -9.67 4.24
CA GLY B 63 -21.41 -9.73 2.99
C GLY B 63 -20.98 -10.57 1.82
N SER B 64 -21.58 -10.30 0.68
CA SER B 64 -21.54 -11.17 -0.47
C SER B 64 -20.12 -11.44 -0.94
N ASN B 65 -19.25 -10.46 -0.78
CA ASN B 65 -17.87 -10.65 -1.31
C ASN B 65 -17.01 -11.54 -0.40
N PHE B 66 -17.62 -12.06 0.67
CA PHE B 66 -16.94 -12.90 1.63
C PHE B 66 -17.44 -14.35 1.62
N THR B 67 -18.43 -14.68 0.80
CA THR B 67 -19.09 -16.01 0.86
C THR B 67 -18.39 -17.03 -0.07
N GLY B 68 -17.57 -16.53 -1.00
CA GLY B 68 -16.98 -17.33 -2.05
C GLY B 68 -15.64 -17.92 -1.63
N ALA B 69 -14.88 -18.38 -2.60
CA ALA B 69 -13.66 -19.08 -2.27
C ALA B 69 -12.45 -18.13 -2.17
N THR B 70 -12.52 -16.96 -2.80
CA THR B 70 -11.30 -16.23 -3.05
C THR B 70 -10.79 -15.51 -1.83
N VAL B 71 -11.64 -14.79 -1.09
CA VAL B 71 -11.14 -14.11 0.09
C VAL B 71 -10.68 -15.13 1.11
N ARG B 72 -11.43 -16.23 1.22
CA ARG B 72 -11.09 -17.30 2.18
C ARG B 72 -9.68 -17.85 1.84
N ALA B 73 -9.41 -18.06 0.58
CA ALA B 73 -8.09 -18.62 0.08
C ALA B 73 -6.96 -17.62 0.36
N ALA B 74 -7.20 -16.34 0.09
CA ALA B 74 -6.17 -15.33 0.47
C ALA B 74 -5.95 -15.18 1.93
N CYS B 75 -7.02 -15.16 2.75
CA CYS B 75 -6.82 -15.01 4.15
C CYS B 75 -6.10 -16.25 4.74
N ASP B 76 -6.49 -17.44 4.27
CA ASP B 76 -5.80 -18.72 4.67
C ASP B 76 -4.31 -18.58 4.39
N TRP B 77 -3.99 -18.24 3.16
CA TRP B 77 -2.60 -18.14 2.69
C TRP B 77 -1.81 -17.20 3.57
N ALA B 78 -2.41 -16.03 3.82
CA ALA B 78 -1.74 -14.95 4.56
C ALA B 78 -1.75 -15.09 6.07
N GLY B 79 -2.47 -16.12 6.56
CA GLY B 79 -2.62 -16.34 8.01
C GLY B 79 -3.49 -15.32 8.72
N ILE B 80 -4.53 -14.84 8.05
CA ILE B 80 -5.47 -13.89 8.62
C ILE B 80 -6.74 -14.59 9.08
N LYS B 81 -7.16 -14.39 10.31
CA LYS B 81 -8.50 -14.95 10.69
C LYS B 81 -9.57 -13.93 10.41
N GLN B 82 -10.67 -14.36 9.80
N GLN B 82 -10.71 -14.39 9.92
CA GLN B 82 -11.87 -13.51 9.74
CA GLN B 82 -11.87 -13.53 9.70
C GLN B 82 -12.61 -13.78 11.05
C GLN B 82 -12.89 -13.75 10.84
N GLU B 83 -13.18 -12.73 11.64
CA GLU B 83 -13.97 -12.93 12.88
C GLU B 83 -15.26 -12.10 12.90
N MET B 99 -14.95 5.33 10.05
CA MET B 99 -14.07 6.30 9.46
C MET B 99 -14.66 6.83 8.14
N ASN B 100 -15.66 6.15 7.60
CA ASN B 100 -16.13 6.44 6.25
C ASN B 100 -16.55 7.88 6.13
N LYS B 101 -17.21 8.38 7.18
CA LYS B 101 -17.75 9.73 7.12
C LYS B 101 -16.60 10.75 7.16
N GLU B 102 -15.65 10.50 8.05
CA GLU B 102 -14.43 11.29 8.12
C GLU B 102 -13.71 11.26 6.74
N LEU B 103 -13.43 10.07 6.24
CA LEU B 103 -12.69 10.03 4.96
C LEU B 103 -13.45 10.80 3.87
N LYS B 104 -14.77 10.59 3.75
CA LYS B 104 -15.54 11.27 2.72
C LYS B 104 -15.47 12.80 2.80
N LYS B 105 -15.39 13.30 4.01
CA LYS B 105 -15.28 14.77 4.22
C LYS B 105 -13.98 15.29 3.62
N ILE B 106 -12.90 14.55 3.92
CA ILE B 106 -11.59 14.97 3.45
C ILE B 106 -11.58 14.86 1.98
N ILE B 107 -12.12 13.75 1.43
CA ILE B 107 -12.21 13.63 0.00
C ILE B 107 -12.87 14.82 -0.66
N GLY B 108 -13.99 15.25 -0.08
CA GLY B 108 -14.67 16.47 -0.61
C GLY B 108 -13.81 17.72 -0.57
N GLN B 109 -12.97 17.87 0.45
CA GLN B 109 -12.08 19.04 0.58
C GLN B 109 -11.00 19.03 -0.52
N VAL B 110 -10.59 17.86 -1.02
CA VAL B 110 -9.53 17.83 -2.06
C VAL B 110 -9.99 17.46 -3.46
N ARG B 111 -11.25 17.10 -3.61
CA ARG B 111 -11.72 16.51 -4.86
C ARG B 111 -11.46 17.37 -6.10
N ASP B 112 -11.57 18.71 -5.99
CA ASP B 112 -11.41 19.55 -7.18
C ASP B 112 -9.95 19.62 -7.64
N GLN B 113 -9.03 19.19 -6.77
CA GLN B 113 -7.59 19.12 -7.09
C GLN B 113 -7.13 17.96 -7.96
N ALA B 114 -8.01 16.99 -8.17
CA ALA B 114 -7.67 15.81 -8.93
C ALA B 114 -8.75 15.61 -9.95
N GLU B 115 -8.38 15.21 -11.13
CA GLU B 115 -9.37 14.76 -12.10
C GLU B 115 -10.09 13.50 -11.63
N HIS B 116 -9.33 12.54 -11.09
CA HIS B 116 -9.87 11.21 -10.83
C HIS B 116 -10.10 10.97 -9.34
N LEU B 117 -11.23 10.35 -8.99
CA LEU B 117 -11.54 10.07 -7.63
C LEU B 117 -10.44 9.29 -6.90
N LYS B 118 -9.85 8.35 -7.58
CA LYS B 118 -8.82 7.55 -6.93
C LYS B 118 -7.69 8.37 -6.36
N THR B 119 -7.26 9.39 -7.08
CA THR B 119 -6.27 10.31 -6.57
C THR B 119 -6.73 11.06 -5.37
N ALA B 120 -7.95 11.62 -5.40
CA ALA B 120 -8.49 12.30 -4.23
C ALA B 120 -8.53 11.38 -3.02
N VAL B 121 -8.81 10.09 -3.22
CA VAL B 121 -8.89 9.20 -2.09
C VAL B 121 -7.51 9.07 -1.43
N GLN B 122 -6.48 8.92 -2.24
CA GLN B 122 -5.13 8.75 -1.70
C GLN B 122 -4.63 10.06 -1.06
N MET B 123 -5.03 11.22 -1.59
CA MET B 123 -4.69 12.50 -0.89
C MET B 123 -5.38 12.47 0.47
N ALA B 124 -6.64 12.01 0.51
CA ALA B 124 -7.33 11.91 1.78
C ALA B 124 -6.81 10.97 2.79
N VAL B 125 -6.29 9.83 2.33
CA VAL B 125 -5.58 8.96 3.23
C VAL B 125 -4.33 9.62 3.82
N PHE B 126 -3.55 10.27 2.96
CA PHE B 126 -2.38 11.03 3.38
C PHE B 126 -2.72 12.02 4.47
N ILE B 127 -3.73 12.79 4.21
CA ILE B 127 -4.15 13.85 5.19
C ILE B 127 -4.57 13.22 6.50
N HIS B 128 -5.42 12.19 6.42
CA HIS B 128 -5.91 11.49 7.63
C HIS B 128 -4.80 10.91 8.50
N ASN B 129 -3.85 10.23 7.85
CA ASN B 129 -2.79 9.54 8.52
C ASN B 129 -1.70 10.45 9.07
N HIS B 130 -1.52 11.62 8.47
CA HIS B 130 -0.44 12.51 8.88
C HIS B 130 -0.92 13.68 9.70
N LYS B 131 -2.23 13.91 9.80
CA LYS B 131 -2.75 15.06 10.59
C LYS B 131 -2.38 14.86 12.03
N ARG B 132 -1.84 15.92 12.65
CA ARG B 132 -1.50 15.89 14.09
C ARG B 132 -2.34 16.94 14.87
N GLY B 138 -0.96 14.30 20.62
CA GLY B 138 0.15 14.90 19.85
C GLY B 138 0.90 14.03 18.82
N TYR B 139 0.39 12.81 18.55
CA TYR B 139 0.87 11.97 17.44
C TYR B 139 -0.17 11.90 16.31
N SER B 140 0.27 11.62 15.10
CA SER B 140 -0.66 11.33 14.03
C SER B 140 -0.95 9.82 14.07
N ALA B 141 -1.96 9.40 13.33
CA ALA B 141 -2.30 7.95 13.20
C ALA B 141 -1.11 7.15 12.65
N GLY B 142 -0.39 7.70 11.68
CA GLY B 142 0.79 7.03 11.17
C GLY B 142 1.87 6.80 12.22
N GLU B 143 2.05 7.79 13.11
CA GLU B 143 2.99 7.63 14.23
C GLU B 143 2.49 6.62 15.25
N ARG B 144 1.19 6.70 15.56
CA ARG B 144 0.58 5.80 16.54
C ARG B 144 0.71 4.32 16.11
N ILE B 145 0.43 4.01 14.82
CA ILE B 145 0.54 2.62 14.38
C ILE B 145 1.94 2.04 14.49
N VAL B 146 3.02 2.75 14.12
CA VAL B 146 4.35 2.18 14.21
C VAL B 146 4.78 2.07 15.69
N ASP B 147 4.41 3.02 16.54
CA ASP B 147 4.71 2.90 17.98
C ASP B 147 4.03 1.66 18.61
N ILE B 148 2.76 1.42 18.28
CA ILE B 148 2.04 0.26 18.80
C ILE B 148 2.65 -1.05 18.36
N ILE B 149 2.99 -1.13 17.06
CA ILE B 149 3.59 -2.35 16.55
C ILE B 149 5.04 -2.53 17.05
N ALA B 150 5.77 -1.45 17.19
CA ALA B 150 7.18 -1.57 17.62
C ALA B 150 7.17 -1.95 19.09
N THR B 151 6.23 -1.47 19.86
CA THR B 151 6.09 -1.93 21.24
C THR B 151 5.73 -3.42 21.38
N ASP B 152 4.88 -3.91 20.51
CA ASP B 152 4.52 -5.31 20.56
C ASP B 152 5.66 -6.24 20.17
N ILE B 153 6.46 -5.87 19.16
CA ILE B 153 7.62 -6.70 18.77
C ILE B 153 8.61 -6.83 19.92
N PRO C 1 -9.39 -22.17 -9.93
CA PRO C 1 -8.31 -23.13 -9.63
C PRO C 1 -7.09 -22.62 -8.93
N LYS C 2 -6.69 -21.39 -9.22
CA LYS C 2 -5.56 -20.73 -8.63
C LYS C 2 -6.01 -19.79 -7.54
N ILE C 3 -5.13 -19.21 -6.73
CA ILE C 3 -5.46 -18.33 -5.62
C ILE C 3 -6.44 -17.21 -5.85
N ASP C 4 -6.31 -16.37 -6.88
CA ASP C 4 -7.20 -15.27 -7.17
C ASP C 4 -8.41 -15.66 -7.99
N ASN C 5 -8.71 -16.93 -8.01
CA ASN C 5 -9.80 -17.40 -8.82
C ASN C 5 -10.03 -18.86 -8.68
N GLY C 6 -10.94 -19.34 -9.46
CA GLY C 6 -11.25 -20.74 -9.46
C GLY C 6 -10.13 -21.61 -9.01
N PRO D 1 -5.12 20.96 -15.54
CA PRO D 1 -4.97 22.03 -14.59
C PRO D 1 -4.98 21.47 -13.22
N LYS D 2 -5.26 20.17 -13.11
CA LYS D 2 -5.31 19.45 -11.86
C LYS D 2 -4.03 18.68 -11.57
N ILE D 3 -3.91 18.09 -10.38
CA ILE D 3 -2.79 17.35 -9.84
C ILE D 3 -2.44 16.12 -10.59
N ASP D 4 -3.37 15.29 -11.00
CA ASP D 4 -3.02 14.11 -11.71
C ASP D 4 -3.11 14.23 -13.21
N ASN D 5 -3.41 15.39 -13.79
CA ASN D 5 -3.58 15.52 -15.24
C ASN D 5 -3.37 16.84 -15.92
N GLY D 6 -4.40 17.65 -15.90
CA GLY D 6 -4.46 18.93 -16.56
C GLY D 6 -4.25 20.00 -15.59
CD CD E . 11.04 0.45 -16.79
CD CD F . 12.00 3.47 -14.79
CL CL G . 10.53 4.09 -12.87
S SO4 H . -2.57 -11.38 -16.09
O1 SO4 H . -3.32 -10.46 -15.19
O2 SO4 H . -1.22 -11.81 -15.63
O3 SO4 H . -3.36 -12.59 -16.19
O4 SO4 H . -2.48 -10.80 -17.45
S SO4 I . 14.36 -4.98 -15.67
O1 SO4 I . 15.55 -5.28 -16.49
O2 SO4 I . 13.73 -3.75 -16.15
O3 SO4 I . 13.42 -6.07 -15.89
O4 SO4 I . 14.73 -4.89 -14.23
S SO4 J . 3.40 13.97 -17.07
O1 SO4 J . 4.04 13.93 -15.75
O2 SO4 J . 3.29 15.41 -17.50
O3 SO4 J . 4.27 13.28 -18.02
O4 SO4 J . 2.09 13.30 -17.10
CD CD K . -20.45 -1.76 -0.43
CD CD L . -19.20 -4.44 1.87
CL CL M . -16.74 -4.94 1.85
S SO4 N . -12.75 9.19 -12.38
O1 SO4 N . -13.20 9.77 -11.11
O2 SO4 N . -11.61 8.28 -12.31
O3 SO4 N . -13.93 8.52 -12.97
O4 SO4 N . -12.42 10.30 -13.30
S SO4 O . -21.70 4.16 2.26
O1 SO4 O . -20.76 4.27 3.40
O2 SO4 O . -21.33 4.95 1.10
O3 SO4 O . -21.76 2.76 1.84
O4 SO4 O . -23.04 4.68 2.65
S SO4 P . -15.37 -15.67 -5.15
O1 SO4 P . -14.82 -15.42 -3.81
O2 SO4 P . -14.55 -15.12 -6.21
O3 SO4 P . -15.49 -17.14 -5.37
O4 SO4 P . -16.70 -15.11 -5.27
#